data_1Q77
#
_entry.id   1Q77
#
_cell.length_a   94.375
_cell.length_b   94.375
_cell.length_c   134.542
_cell.angle_alpha   90.00
_cell.angle_beta   90.00
_cell.angle_gamma   90.00
#
_symmetry.space_group_name_H-M   'P 43 21 2'
#
loop_
_entity.id
_entity.type
_entity.pdbx_description
1 polymer 'Hypothetical protein AQ_178'
2 non-polymer 'SULFATE ION'
3 water water
#
_entity_poly.entity_id   1
_entity_poly.type   'polypeptide(L)'
_entity_poly.pdbx_seq_one_letter_code
;SNA(MSE)KVLLVLTDAYSDCEKAITYAVNFSEKLGAELDILAVLEDVYNLERANVTFGLPFPPEIKEESKKRIERRLRE
VWEKLTGSTEIPGVEYRIGPLSEEVKKFVEGKGYELVVWACYPSAYLCKVIDGLNLASLIVK
;
_entity_poly.pdbx_strand_id   A,B
#
loop_
_chem_comp.id
_chem_comp.type
_chem_comp.name
_chem_comp.formula
SO4 non-polymer 'SULFATE ION' 'O4 S -2'
#
# COMPACT_ATOMS: atom_id res chain seq x y z
N SER A 1 18.65 10.19 11.85
CA SER A 1 17.80 10.70 10.73
C SER A 1 16.41 10.06 10.77
N ASN A 2 15.37 10.89 10.85
CA ASN A 2 13.99 10.41 10.88
C ASN A 2 13.39 10.38 9.47
N ALA A 3 14.27 10.53 8.48
CA ALA A 3 13.86 10.52 7.08
C ALA A 3 13.26 9.17 6.76
N MSE A 4 11.95 9.16 6.55
CA MSE A 4 11.22 7.95 6.20
C MSE A 4 11.91 7.37 4.96
O MSE A 4 11.83 7.96 3.88
CB MSE A 4 9.77 8.31 5.88
CG MSE A 4 8.84 7.15 5.60
SE MSE A 4 7.13 7.80 4.92
CE MSE A 4 6.28 8.34 6.58
N LYS A 5 12.58 6.23 5.11
CA LYS A 5 13.28 5.60 4.00
C LYS A 5 12.34 4.80 3.10
N VAL A 6 12.10 5.29 1.89
CA VAL A 6 11.19 4.64 0.94
C VAL A 6 11.85 4.12 -0.34
N LEU A 7 11.36 2.99 -0.84
CA LEU A 7 11.89 2.40 -2.05
C LEU A 7 10.80 2.23 -3.08
N LEU A 8 11.07 2.70 -4.29
CA LEU A 8 10.13 2.56 -5.39
C LEU A 8 10.64 1.37 -6.21
N VAL A 9 9.80 0.35 -6.35
CA VAL A 9 10.19 -0.82 -7.12
C VAL A 9 9.52 -0.79 -8.49
N LEU A 10 10.33 -0.82 -9.54
CA LEU A 10 9.81 -0.81 -10.89
C LEU A 10 10.18 -2.09 -11.63
N THR A 11 9.37 -2.42 -12.64
CA THR A 11 9.59 -3.59 -13.46
C THR A 11 9.75 -3.07 -14.86
N ASP A 12 10.61 -3.69 -15.66
CA ASP A 12 10.78 -3.23 -17.03
C ASP A 12 9.54 -3.63 -17.82
N ALA A 13 8.77 -4.58 -17.28
CA ALA A 13 7.55 -5.05 -17.93
C ALA A 13 6.35 -4.15 -17.66
N TYR A 14 6.39 -3.40 -16.57
CA TYR A 14 5.29 -2.50 -16.22
C TYR A 14 5.88 -1.13 -15.93
N SER A 15 6.70 -0.63 -16.86
CA SER A 15 7.33 0.67 -16.68
C SER A 15 6.35 1.84 -16.80
N ASP A 16 5.16 1.60 -17.35
CA ASP A 16 4.19 2.68 -17.48
C ASP A 16 3.24 2.67 -16.28
N CYS A 17 3.66 3.34 -15.21
CA CYS A 17 2.89 3.42 -13.99
C CYS A 17 3.04 4.80 -13.38
N GLU A 18 2.31 5.76 -13.92
CA GLU A 18 2.39 7.11 -13.41
C GLU A 18 1.90 7.23 -11.98
N LYS A 19 0.81 6.55 -11.65
CA LYS A 19 0.26 6.60 -10.30
C LYS A 19 1.27 6.24 -9.22
N ALA A 20 2.08 5.23 -9.46
CA ALA A 20 3.09 4.83 -8.47
C ALA A 20 4.20 5.86 -8.39
N ILE A 21 4.75 6.23 -9.55
CA ILE A 21 5.82 7.22 -9.56
C ILE A 21 5.34 8.50 -8.86
N THR A 22 4.08 8.85 -9.05
CA THR A 22 3.52 10.04 -8.43
C THR A 22 3.55 9.92 -6.90
N TYR A 23 3.05 8.80 -6.39
CA TYR A 23 3.07 8.58 -4.94
C TYR A 23 4.45 8.83 -4.41
N ALA A 24 5.45 8.23 -5.05
CA ALA A 24 6.84 8.37 -4.65
C ALA A 24 7.28 9.83 -4.60
N VAL A 25 7.06 10.57 -5.69
CA VAL A 25 7.42 11.97 -5.74
C VAL A 25 6.76 12.75 -4.60
N ASN A 26 5.49 12.48 -4.33
CA ASN A 26 4.80 13.17 -3.25
C ASN A 26 5.36 12.84 -1.86
N PHE A 27 5.91 11.65 -1.70
CA PHE A 27 6.49 11.30 -0.41
C PHE A 27 7.81 12.04 -0.29
N SER A 28 8.56 12.04 -1.37
CA SER A 28 9.86 12.68 -1.45
C SER A 28 9.73 14.16 -1.14
N GLU A 29 8.78 14.82 -1.81
CA GLU A 29 8.53 16.24 -1.65
C GLU A 29 7.78 16.56 -0.39
N LYS A 30 6.46 16.39 -0.45
CA LYS A 30 5.56 16.69 0.65
C LYS A 30 5.80 15.97 1.98
N LEU A 31 6.48 14.82 1.96
CA LEU A 31 6.75 14.12 3.21
C LEU A 31 8.23 14.01 3.55
N GLY A 32 9.08 14.67 2.76
CA GLY A 32 10.52 14.64 3.00
C GLY A 32 11.11 13.25 3.22
N ALA A 33 10.62 12.27 2.48
CA ALA A 33 11.12 10.91 2.61
C ALA A 33 12.39 10.76 1.79
N GLU A 34 13.27 9.89 2.26
CA GLU A 34 14.53 9.60 1.57
C GLU A 34 14.22 8.47 0.58
N LEU A 35 13.93 8.87 -0.66
CA LEU A 35 13.55 7.95 -1.73
C LEU A 35 14.66 7.33 -2.59
N ASP A 36 14.56 6.02 -2.81
CA ASP A 36 15.49 5.24 -3.63
C ASP A 36 14.68 4.47 -4.66
N ILE A 37 15.25 4.23 -5.83
CA ILE A 37 14.52 3.50 -6.85
C ILE A 37 15.22 2.22 -7.28
N LEU A 38 14.46 1.12 -7.32
CA LEU A 38 15.00 -0.16 -7.75
C LEU A 38 14.13 -0.59 -8.92
N ALA A 39 14.78 -0.95 -10.02
CA ALA A 39 14.08 -1.39 -11.20
C ALA A 39 14.57 -2.80 -11.49
N VAL A 40 13.64 -3.75 -11.44
CA VAL A 40 13.95 -5.14 -11.71
C VAL A 40 13.61 -5.44 -13.17
N LEU A 41 14.62 -5.86 -13.93
CA LEU A 41 14.42 -6.15 -15.34
C LEU A 41 13.99 -7.59 -15.53
N GLU A 42 12.78 -7.91 -15.12
CA GLU A 42 12.25 -9.25 -15.24
C GLU A 42 12.14 -9.79 -16.66
N ASP A 43 11.82 -8.93 -17.62
CA ASP A 43 11.71 -9.38 -19.00
C ASP A 43 13.08 -9.75 -19.55
N VAL A 44 14.08 -8.93 -19.23
CA VAL A 44 15.46 -9.18 -19.68
C VAL A 44 15.93 -10.47 -19.00
N TYR A 45 15.39 -10.73 -17.83
CA TYR A 45 15.75 -11.94 -17.12
C TYR A 45 15.18 -13.14 -17.87
N ASN A 46 13.93 -13.05 -18.29
CA ASN A 46 13.30 -14.14 -19.03
C ASN A 46 13.99 -14.39 -20.34
N LEU A 47 14.66 -13.38 -20.88
CA LEU A 47 15.38 -13.55 -22.13
C LEU A 47 16.58 -14.45 -21.84
N GLU A 48 17.29 -14.14 -20.75
CA GLU A 48 18.45 -14.90 -20.35
C GLU A 48 18.09 -16.36 -20.16
N ARG A 49 16.94 -16.60 -19.56
CA ARG A 49 16.49 -17.95 -19.32
C ARG A 49 16.05 -18.67 -20.58
N ALA A 50 15.44 -17.96 -21.51
CA ALA A 50 15.01 -18.61 -22.75
C ALA A 50 16.29 -18.95 -23.49
N ASN A 51 17.31 -18.14 -23.26
CA ASN A 51 18.61 -18.34 -23.89
C ASN A 51 19.18 -19.68 -23.45
N VAL A 52 19.28 -19.88 -22.14
CA VAL A 52 19.79 -21.13 -21.60
C VAL A 52 18.93 -22.31 -22.02
N THR A 53 17.62 -22.16 -21.94
CA THR A 53 16.69 -23.24 -22.29
C THR A 53 16.61 -23.61 -23.77
N PHE A 54 16.51 -22.63 -24.65
CA PHE A 54 16.40 -22.91 -26.07
C PHE A 54 17.57 -22.41 -26.90
N GLY A 55 18.49 -21.74 -26.23
CA GLY A 55 19.64 -21.22 -26.93
C GLY A 55 19.25 -20.01 -27.76
N LEU A 56 18.23 -19.29 -27.31
CA LEU A 56 17.77 -18.08 -28.00
C LEU A 56 18.71 -16.92 -27.74
N PRO A 57 19.40 -16.43 -28.78
CA PRO A 57 20.33 -15.32 -28.60
C PRO A 57 19.60 -13.97 -28.56
N PHE A 58 20.20 -13.02 -27.85
CA PHE A 58 19.64 -11.67 -27.74
C PHE A 58 20.76 -10.65 -27.50
N PRO A 59 20.64 -9.46 -28.12
CA PRO A 59 21.59 -8.35 -28.05
C PRO A 59 21.71 -7.70 -26.68
N PRO A 60 22.94 -7.52 -26.18
CA PRO A 60 23.17 -6.91 -24.88
C PRO A 60 22.57 -5.49 -24.77
N GLU A 61 22.20 -4.93 -25.91
CA GLU A 61 21.62 -3.59 -25.98
C GLU A 61 20.24 -3.59 -25.35
N ILE A 62 19.61 -4.76 -25.34
CA ILE A 62 18.28 -4.90 -24.77
C ILE A 62 18.23 -4.37 -23.34
N LYS A 63 19.33 -4.54 -22.60
CA LYS A 63 19.39 -4.02 -21.24
C LYS A 63 19.17 -2.52 -21.27
N GLU A 64 19.97 -1.83 -22.08
CA GLU A 64 19.87 -0.38 -22.18
C GLU A 64 18.51 0.11 -22.64
N GLU A 65 17.95 -0.51 -23.67
CA GLU A 65 16.63 -0.10 -24.15
C GLU A 65 15.61 0.01 -23.00
N SER A 66 15.60 -1.01 -22.13
CA SER A 66 14.70 -1.04 -20.98
C SER A 66 15.05 0.04 -19.96
N LYS A 67 16.35 0.20 -19.70
CA LYS A 67 16.82 1.20 -18.76
C LYS A 67 16.32 2.58 -19.19
N LYS A 68 16.35 2.82 -20.50
CA LYS A 68 15.92 4.10 -21.01
C LYS A 68 14.40 4.27 -21.00
N ARG A 69 13.65 3.21 -21.27
CA ARG A 69 12.19 3.32 -21.23
C ARG A 69 11.81 3.71 -19.82
N ILE A 70 12.46 3.07 -18.87
CA ILE A 70 12.19 3.32 -17.46
C ILE A 70 12.59 4.73 -17.07
N GLU A 71 13.81 5.12 -17.41
CA GLU A 71 14.28 6.46 -17.07
C GLU A 71 13.43 7.56 -17.71
N ARG A 72 12.98 7.35 -18.94
CA ARG A 72 12.14 8.34 -19.59
C ARG A 72 10.84 8.48 -18.81
N ARG A 73 10.23 7.35 -18.46
CA ARG A 73 8.98 7.38 -17.70
C ARG A 73 9.17 8.13 -16.38
N LEU A 74 10.34 7.98 -15.77
CA LEU A 74 10.59 8.67 -14.52
C LEU A 74 10.65 10.19 -14.72
N ARG A 75 11.47 10.62 -15.69
CA ARG A 75 11.60 12.04 -16.01
C ARG A 75 10.27 12.68 -16.35
N GLU A 76 9.47 12.01 -17.15
CA GLU A 76 8.18 12.54 -17.55
C GLU A 76 7.36 12.93 -16.33
N VAL A 77 7.17 11.99 -15.41
CA VAL A 77 6.39 12.24 -14.22
C VAL A 77 7.06 13.26 -13.30
N TRP A 78 8.36 13.10 -13.10
CA TRP A 78 9.09 14.00 -12.24
C TRP A 78 8.97 15.43 -12.70
N GLU A 79 9.20 15.65 -13.99
CA GLU A 79 9.12 16.98 -14.56
C GLU A 79 7.69 17.51 -14.44
N LYS A 80 6.72 16.72 -14.85
CA LYS A 80 5.33 17.12 -14.78
C LYS A 80 4.90 17.60 -13.39
N LEU A 81 5.42 16.96 -12.35
CA LEU A 81 5.06 17.29 -10.98
C LEU A 81 6.03 18.22 -10.28
N THR A 82 7.30 18.11 -10.66
CA THR A 82 8.34 18.90 -10.02
C THR A 82 8.97 19.97 -10.92
N GLY A 83 8.51 20.05 -12.16
CA GLY A 83 9.09 21.02 -13.07
C GLY A 83 10.55 20.73 -13.35
N SER A 84 11.11 19.74 -12.66
CA SER A 84 12.51 19.35 -12.84
C SER A 84 12.61 17.93 -13.39
N THR A 85 13.68 17.64 -14.12
CA THR A 85 13.85 16.28 -14.65
C THR A 85 15.00 15.58 -13.93
N GLU A 86 15.38 16.11 -12.77
CA GLU A 86 16.45 15.49 -11.98
C GLU A 86 15.84 14.39 -11.13
N ILE A 87 15.96 13.16 -11.61
CA ILE A 87 15.41 12.02 -10.91
C ILE A 87 16.51 11.33 -10.12
N PRO A 88 16.13 10.47 -9.16
CA PRO A 88 17.09 9.74 -8.32
C PRO A 88 17.85 8.76 -9.20
N GLY A 89 18.93 8.19 -8.65
CA GLY A 89 19.68 7.22 -9.40
C GLY A 89 18.84 5.95 -9.39
N VAL A 90 18.90 5.18 -10.46
CA VAL A 90 18.13 3.96 -10.50
C VAL A 90 19.06 2.76 -10.40
N GLU A 91 18.69 1.83 -9.53
CA GLU A 91 19.45 0.60 -9.32
C GLU A 91 18.77 -0.50 -10.12
N TYR A 92 19.51 -1.15 -11.01
CA TYR A 92 18.94 -2.21 -11.84
C TYR A 92 19.40 -3.58 -11.40
N ARG A 93 18.43 -4.48 -11.28
CA ARG A 93 18.70 -5.86 -10.90
C ARG A 93 17.97 -6.75 -11.92
N ILE A 94 18.66 -7.78 -12.41
CA ILE A 94 18.05 -8.69 -13.38
C ILE A 94 17.74 -10.06 -12.77
N GLY A 95 16.46 -10.30 -12.50
CA GLY A 95 16.05 -11.55 -11.91
C GLY A 95 14.59 -11.55 -11.51
N PRO A 96 14.11 -12.55 -10.75
CA PRO A 96 12.71 -12.67 -10.29
C PRO A 96 12.41 -11.54 -9.34
N LEU A 97 11.27 -10.89 -9.51
CA LEU A 97 10.92 -9.76 -8.67
C LEU A 97 11.12 -10.00 -7.18
N SER A 98 10.28 -10.84 -6.59
CA SER A 98 10.32 -11.16 -5.16
C SER A 98 11.74 -11.31 -4.67
N GLU A 99 12.43 -12.30 -5.25
CA GLU A 99 13.81 -12.62 -4.92
C GLU A 99 14.75 -11.40 -4.93
N GLU A 100 14.68 -10.61 -6.00
CA GLU A 100 15.54 -9.43 -6.14
C GLU A 100 15.21 -8.32 -5.17
N VAL A 101 13.92 -8.09 -4.94
CA VAL A 101 13.51 -7.06 -4.00
C VAL A 101 14.01 -7.43 -2.63
N LYS A 102 13.84 -8.70 -2.26
CA LYS A 102 14.29 -9.18 -0.96
C LYS A 102 15.79 -8.98 -0.80
N LYS A 103 16.57 -9.42 -1.78
CA LYS A 103 18.03 -9.24 -1.70
C LYS A 103 18.38 -7.79 -1.52
N PHE A 104 17.95 -6.98 -2.46
CA PHE A 104 18.24 -5.56 -2.45
C PHE A 104 17.88 -4.85 -1.16
N VAL A 105 16.65 -5.04 -0.71
CA VAL A 105 16.14 -4.37 0.48
C VAL A 105 16.71 -4.78 1.85
N GLU A 106 17.24 -5.98 1.92
CA GLU A 106 17.77 -6.50 3.18
C GLU A 106 18.78 -5.64 3.91
N GLY A 107 18.52 -5.45 5.19
CA GLY A 107 19.40 -4.67 6.03
C GLY A 107 19.67 -3.25 5.55
N LYS A 108 18.67 -2.58 4.99
CA LYS A 108 18.86 -1.20 4.54
C LYS A 108 17.84 -0.32 5.24
N GLY A 109 16.97 -0.97 6.02
CA GLY A 109 15.97 -0.27 6.78
C GLY A 109 14.98 0.59 6.02
N TYR A 110 14.25 0.01 5.07
CA TYR A 110 13.25 0.77 4.34
C TYR A 110 11.95 0.65 5.09
N GLU A 111 11.34 1.79 5.41
CA GLU A 111 10.08 1.80 6.13
C GLU A 111 8.93 1.43 5.22
N LEU A 112 9.09 1.75 3.93
CA LEU A 112 8.03 1.49 2.97
C LEU A 112 8.55 1.12 1.60
N VAL A 113 7.74 0.35 0.89
CA VAL A 113 8.07 -0.04 -0.47
C VAL A 113 6.85 0.25 -1.33
N VAL A 114 7.05 0.99 -2.41
CA VAL A 114 5.98 1.31 -3.32
C VAL A 114 6.13 0.46 -4.57
N TRP A 115 5.18 -0.45 -4.76
CA TRP A 115 5.17 -1.36 -5.89
C TRP A 115 4.43 -0.78 -7.08
N ALA A 116 5.14 -0.59 -8.19
CA ALA A 116 4.56 -0.03 -9.39
C ALA A 116 3.84 -1.06 -10.27
N CYS A 117 2.56 -0.78 -10.50
CA CYS A 117 1.66 -1.57 -11.34
C CYS A 117 2.03 -3.04 -11.57
N TYR A 118 2.51 -3.75 -10.56
CA TYR A 118 2.85 -5.16 -10.75
C TYR A 118 1.69 -6.03 -10.25
N PRO A 119 1.31 -7.10 -11.00
CA PRO A 119 0.22 -8.00 -10.62
C PRO A 119 0.23 -8.38 -9.13
N SER A 120 -0.74 -7.87 -8.39
CA SER A 120 -0.87 -8.11 -6.95
C SER A 120 -0.74 -9.56 -6.50
N ALA A 121 -1.41 -10.47 -7.19
CA ALA A 121 -1.38 -11.87 -6.82
C ALA A 121 0.03 -12.40 -6.56
N TYR A 122 1.02 -11.88 -7.27
CA TYR A 122 2.39 -12.36 -7.12
C TYR A 122 3.24 -11.68 -6.04
N LEU A 123 2.65 -10.67 -5.40
CA LEU A 123 3.34 -9.92 -4.36
C LEU A 123 2.93 -10.40 -2.99
N CYS A 124 1.73 -10.99 -2.93
CA CYS A 124 1.19 -11.48 -1.67
C CYS A 124 2.24 -12.14 -0.80
N LYS A 125 3.05 -13.02 -1.36
CA LYS A 125 4.06 -13.67 -0.54
C LYS A 125 5.17 -12.75 -0.05
N VAL A 126 5.86 -12.08 -0.97
CA VAL A 126 6.95 -11.17 -0.57
C VAL A 126 6.49 -10.11 0.43
N ILE A 127 5.39 -9.45 0.12
CA ILE A 127 4.87 -8.43 1.00
C ILE A 127 4.74 -8.94 2.41
N ASP A 128 4.44 -10.22 2.56
CA ASP A 128 4.30 -10.81 3.88
C ASP A 128 5.70 -11.09 4.43
N GLY A 129 6.58 -11.64 3.60
CA GLY A 129 7.93 -11.94 4.02
C GLY A 129 8.77 -10.72 4.38
N LEU A 130 8.27 -9.51 4.10
CA LEU A 130 9.01 -8.27 4.39
C LEU A 130 8.45 -7.48 5.56
N ASN A 131 9.34 -6.99 6.41
CA ASN A 131 8.91 -6.23 7.57
C ASN A 131 8.92 -4.74 7.29
N LEU A 132 8.05 -4.33 6.39
CA LEU A 132 7.94 -2.92 6.04
C LEU A 132 6.61 -2.74 5.36
N ALA A 133 6.09 -1.53 5.40
CA ALA A 133 4.80 -1.25 4.78
C ALA A 133 4.95 -1.39 3.28
N SER A 134 3.86 -1.77 2.62
CA SER A 134 3.87 -1.93 1.18
C SER A 134 2.74 -1.15 0.57
N LEU A 135 3.05 -0.36 -0.45
CA LEU A 135 2.02 0.39 -1.12
C LEU A 135 1.83 -0.24 -2.49
N ILE A 136 0.73 -0.94 -2.65
CA ILE A 136 0.42 -1.61 -3.89
C ILE A 136 -0.31 -0.68 -4.81
N VAL A 137 0.38 -0.19 -5.83
CA VAL A 137 -0.25 0.69 -6.80
C VAL A 137 -0.76 -0.17 -7.95
N LYS A 138 -2.06 -0.08 -8.24
CA LYS A 138 -2.65 -0.84 -9.32
C LYS A 138 -2.65 -0.02 -10.61
N SER B 1 -13.62 16.98 -5.80
CA SER B 1 -12.64 17.82 -6.55
C SER B 1 -11.34 17.05 -6.79
N ASN B 2 -10.26 17.77 -7.11
CA ASN B 2 -8.96 17.16 -7.36
C ASN B 2 -8.31 16.67 -6.06
N ALA B 3 -9.14 16.49 -5.04
CA ALA B 3 -8.68 16.01 -3.73
C ALA B 3 -8.77 14.49 -3.70
N MSE B 4 -7.61 13.84 -3.57
CA MSE B 4 -7.50 12.39 -3.52
C MSE B 4 -8.36 11.76 -2.42
O MSE B 4 -8.24 12.11 -1.25
CB MSE B 4 -6.04 11.99 -3.31
CG MSE B 4 -5.81 10.55 -2.89
SE MSE B 4 -3.92 10.07 -2.75
CE MSE B 4 -3.35 11.39 -1.44
N LYS B 5 -9.25 10.82 -2.80
CA LYS B 5 -10.10 10.15 -1.81
C LYS B 5 -9.42 8.91 -1.26
N VAL B 6 -9.25 8.90 0.06
CA VAL B 6 -8.60 7.79 0.72
C VAL B 6 -9.49 7.21 1.78
N LEU B 7 -9.42 5.89 1.95
CA LEU B 7 -10.23 5.25 2.97
C LEU B 7 -9.33 4.51 3.93
N LEU B 8 -9.54 4.77 5.21
CA LEU B 8 -8.79 4.09 6.25
C LEU B 8 -9.70 2.98 6.75
N VAL B 9 -9.26 1.72 6.62
CA VAL B 9 -10.07 0.60 7.07
C VAL B 9 -9.57 0.03 8.39
N LEU B 10 -10.37 0.22 9.44
CA LEU B 10 -10.05 -0.27 10.78
C LEU B 10 -10.82 -1.53 11.02
N THR B 11 -10.29 -2.35 11.91
CA THR B 11 -10.96 -3.59 12.21
C THR B 11 -11.25 -3.78 13.70
N ASP B 12 -12.21 -4.65 13.96
CA ASP B 12 -12.64 -5.01 15.30
C ASP B 12 -11.46 -5.72 15.99
N ALA B 13 -11.08 -6.85 15.40
CA ALA B 13 -10.03 -7.72 15.88
C ALA B 13 -8.65 -7.13 16.19
N TYR B 14 -8.02 -6.51 15.21
CA TYR B 14 -6.69 -5.96 15.39
C TYR B 14 -6.61 -4.52 15.92
N SER B 15 -6.49 -4.47 17.25
CA SER B 15 -6.41 -3.25 18.03
C SER B 15 -5.20 -2.38 17.67
N ASP B 16 -4.20 -2.43 18.54
CA ASP B 16 -2.96 -1.66 18.39
C ASP B 16 -2.41 -1.60 16.98
N CYS B 17 -2.76 -0.52 16.27
CA CYS B 17 -2.29 -0.32 14.91
C CYS B 17 -2.01 1.16 14.70
N GLU B 18 -1.02 1.67 15.40
CA GLU B 18 -0.69 3.07 15.31
C GLU B 18 -0.05 3.46 14.00
N LYS B 19 0.91 2.67 13.52
CA LYS B 19 1.59 2.97 12.26
C LYS B 19 0.63 3.25 11.11
N ALA B 20 -0.36 2.37 10.94
CA ALA B 20 -1.34 2.52 9.86
C ALA B 20 -2.12 3.82 9.99
N ILE B 21 -2.68 4.05 11.18
CA ILE B 21 -3.46 5.26 11.43
C ILE B 21 -2.59 6.50 11.17
N THR B 22 -1.30 6.37 11.41
CA THR B 22 -0.37 7.47 11.21
C THR B 22 -0.26 7.81 9.73
N TYR B 23 0.02 6.83 8.89
CA TYR B 23 0.12 7.08 7.46
C TYR B 23 -1.13 7.82 7.04
N ALA B 24 -2.29 7.31 7.45
CA ALA B 24 -3.58 7.92 7.11
C ALA B 24 -3.61 9.41 7.43
N VAL B 25 -3.22 9.78 8.65
CA VAL B 25 -3.22 11.18 9.06
C VAL B 25 -2.38 12.02 8.10
N ASN B 26 -1.14 11.59 7.85
CA ASN B 26 -0.22 12.28 6.96
C ASN B 26 -0.78 12.56 5.57
N PHE B 27 -1.60 11.65 5.06
CA PHE B 27 -2.19 11.87 3.75
C PHE B 27 -3.19 12.99 3.82
N SER B 28 -3.90 13.04 4.93
CA SER B 28 -4.90 14.07 5.15
C SER B 28 -4.20 15.43 5.30
N GLU B 29 -3.14 15.43 6.08
CA GLU B 29 -2.35 16.63 6.36
C GLU B 29 -1.49 17.08 5.19
N LYS B 30 -0.28 16.52 5.10
CA LYS B 30 0.67 16.87 4.06
C LYS B 30 0.22 16.68 2.62
N LEU B 31 -0.51 15.60 2.33
CA LEU B 31 -0.95 15.35 0.96
C LEU B 31 -2.36 15.79 0.64
N GLY B 32 -2.97 16.54 1.55
CA GLY B 32 -4.32 17.06 1.34
C GLY B 32 -5.30 16.09 0.70
N ALA B 33 -5.51 14.95 1.34
CA ALA B 33 -6.42 13.95 0.82
C ALA B 33 -7.74 14.04 1.58
N GLU B 34 -8.82 13.60 0.95
CA GLU B 34 -10.12 13.62 1.60
C GLU B 34 -10.35 12.24 2.23
N LEU B 35 -9.87 12.11 3.46
CA LEU B 35 -9.93 10.85 4.22
C LEU B 35 -11.24 10.46 4.90
N ASP B 36 -11.64 9.21 4.66
CA ASP B 36 -12.85 8.68 5.26
C ASP B 36 -12.41 7.48 6.09
N ILE B 37 -13.16 7.16 7.14
CA ILE B 37 -12.80 6.03 7.97
C ILE B 37 -13.89 4.96 8.01
N LEU B 38 -13.48 3.71 7.88
CA LEU B 38 -14.41 2.59 7.89
C LEU B 38 -13.90 1.54 8.86
N ALA B 39 -14.74 1.19 9.83
CA ALA B 39 -14.41 0.21 10.84
C ALA B 39 -15.34 -0.98 10.70
N VAL B 40 -14.77 -2.12 10.33
CA VAL B 40 -15.54 -3.34 10.16
C VAL B 40 -15.45 -4.13 11.46
N LEU B 41 -16.58 -4.25 12.16
CA LEU B 41 -16.63 -4.99 13.41
C LEU B 41 -16.74 -6.47 13.12
N GLU B 42 -15.66 -7.05 12.61
CA GLU B 42 -15.63 -8.46 12.26
C GLU B 42 -15.78 -9.38 13.48
N ASP B 43 -15.15 -9.03 14.59
CA ASP B 43 -15.27 -9.85 15.78
C ASP B 43 -16.70 -9.87 16.29
N VAL B 44 -17.37 -8.73 16.24
CA VAL B 44 -18.77 -8.62 16.67
C VAL B 44 -19.60 -9.51 15.76
N TYR B 45 -19.32 -9.44 14.47
CA TYR B 45 -20.04 -10.24 13.52
C TYR B 45 -19.93 -11.73 13.88
N ASN B 46 -18.70 -12.24 13.95
CA ASN B 46 -18.49 -13.64 14.28
C ASN B 46 -19.15 -14.03 15.59
N LEU B 47 -19.52 -13.03 16.39
CA LEU B 47 -20.16 -13.33 17.65
C LEU B 47 -21.65 -13.50 17.43
N GLU B 48 -22.25 -12.62 16.63
CA GLU B 48 -23.67 -12.75 16.34
C GLU B 48 -23.90 -14.15 15.79
N ARG B 49 -22.93 -14.67 15.04
CA ARG B 49 -23.00 -16.00 14.45
C ARG B 49 -22.99 -17.11 15.49
N ALA B 50 -22.01 -17.08 16.40
CA ALA B 50 -21.91 -18.09 17.45
C ALA B 50 -23.12 -17.98 18.39
N ASN B 51 -23.73 -16.79 18.41
CA ASN B 51 -24.91 -16.53 19.22
C ASN B 51 -25.99 -17.42 18.60
N VAL B 52 -26.32 -17.13 17.35
CA VAL B 52 -27.34 -17.88 16.62
C VAL B 52 -27.17 -19.39 16.70
N THR B 53 -25.93 -19.85 16.61
CA THR B 53 -25.66 -21.28 16.67
C THR B 53 -25.92 -21.84 18.07
N PHE B 54 -25.64 -21.04 19.09
CA PHE B 54 -25.82 -21.50 20.46
C PHE B 54 -26.87 -20.80 21.29
N GLY B 55 -27.48 -19.75 20.72
CA GLY B 55 -28.51 -19.02 21.43
C GLY B 55 -28.05 -18.33 22.72
N LEU B 56 -26.80 -17.90 22.77
CA LEU B 56 -26.31 -17.22 23.96
C LEU B 56 -26.67 -15.74 23.86
N PRO B 57 -27.06 -15.12 24.99
CA PRO B 57 -27.43 -13.70 25.04
C PRO B 57 -26.36 -12.83 24.39
N PHE B 58 -26.79 -11.78 23.69
CA PHE B 58 -25.86 -10.89 23.03
C PHE B 58 -26.15 -9.41 23.38
N PRO B 59 -25.51 -8.90 24.44
CA PRO B 59 -25.65 -7.53 24.93
C PRO B 59 -25.27 -6.46 23.90
N PRO B 60 -26.10 -5.42 23.77
CA PRO B 60 -25.86 -4.32 22.84
C PRO B 60 -24.62 -3.51 23.19
N GLU B 61 -24.15 -3.67 24.43
CA GLU B 61 -22.98 -2.95 24.93
C GLU B 61 -21.71 -3.37 24.21
N ILE B 62 -21.68 -4.63 23.78
CA ILE B 62 -20.52 -5.13 23.08
C ILE B 62 -20.23 -4.28 21.87
N LYS B 63 -21.25 -4.09 21.04
CA LYS B 63 -21.10 -3.28 19.84
C LYS B 63 -20.68 -1.86 20.20
N GLU B 64 -21.45 -1.21 21.06
CA GLU B 64 -21.15 0.15 21.46
C GLU B 64 -19.74 0.28 22.01
N GLU B 65 -19.34 -0.65 22.88
CA GLU B 65 -18.02 -0.59 23.48
C GLU B 65 -16.90 -0.86 22.48
N SER B 66 -17.21 -1.64 21.44
CA SER B 66 -16.24 -1.96 20.40
C SER B 66 -15.94 -0.68 19.62
N LYS B 67 -16.99 0.09 19.38
CA LYS B 67 -16.87 1.34 18.64
C LYS B 67 -16.11 2.37 19.48
N LYS B 68 -16.35 2.35 20.78
CA LYS B 68 -15.70 3.28 21.67
C LYS B 68 -14.19 3.07 21.77
N ARG B 69 -13.76 1.81 21.83
CA ARG B 69 -12.33 1.52 21.92
C ARG B 69 -11.65 2.00 20.66
N ILE B 70 -12.28 1.74 19.52
CA ILE B 70 -11.75 2.14 18.22
C ILE B 70 -11.61 3.66 18.16
N GLU B 71 -12.66 4.36 18.54
CA GLU B 71 -12.63 5.81 18.54
C GLU B 71 -11.51 6.34 19.44
N ARG B 72 -11.38 5.76 20.63
CA ARG B 72 -10.33 6.16 21.56
C ARG B 72 -8.99 6.04 20.85
N ARG B 73 -8.71 4.86 20.32
CA ARG B 73 -7.46 4.56 19.62
C ARG B 73 -7.15 5.52 18.48
N LEU B 74 -8.19 6.08 17.87
CA LEU B 74 -8.00 7.03 16.78
C LEU B 74 -7.57 8.34 17.38
N ARG B 75 -8.32 8.78 18.40
CA ARG B 75 -8.03 10.04 19.09
C ARG B 75 -6.61 10.08 19.59
N GLU B 76 -6.15 9.00 20.21
CA GLU B 76 -4.78 8.96 20.73
C GLU B 76 -3.78 9.34 19.65
N VAL B 77 -3.78 8.58 18.55
CA VAL B 77 -2.86 8.81 17.44
C VAL B 77 -3.11 10.16 16.78
N TRP B 78 -4.37 10.50 16.62
CA TRP B 78 -4.72 11.76 16.00
C TRP B 78 -4.14 12.91 16.82
N GLU B 79 -4.44 12.91 18.11
CA GLU B 79 -3.97 13.91 19.04
C GLU B 79 -2.43 13.98 19.03
N LYS B 80 -1.77 12.82 19.17
CA LYS B 80 -0.32 12.79 19.17
C LYS B 80 0.30 13.42 17.93
N LEU B 81 -0.42 13.38 16.81
CA LEU B 81 0.09 13.94 15.56
C LEU B 81 -0.32 15.38 15.35
N THR B 82 -1.59 15.67 15.59
CA THR B 82 -2.12 17.01 15.47
C THR B 82 -2.67 17.27 16.85
N GLY B 83 -2.35 18.42 17.42
CA GLY B 83 -2.86 18.70 18.76
C GLY B 83 -4.35 18.54 18.95
N SER B 84 -5.08 18.12 17.93
CA SER B 84 -6.53 17.98 18.04
C SER B 84 -7.09 16.56 18.17
N THR B 85 -8.19 16.46 18.93
CA THR B 85 -8.89 15.22 19.16
C THR B 85 -9.97 15.10 18.09
N GLU B 86 -10.12 16.15 17.28
CA GLU B 86 -11.11 16.17 16.20
C GLU B 86 -10.75 15.10 15.20
N ILE B 87 -11.63 14.11 15.08
CA ILE B 87 -11.42 12.96 14.21
C ILE B 87 -12.53 12.80 13.20
N PRO B 88 -12.21 12.27 12.01
CA PRO B 88 -13.24 12.06 10.98
C PRO B 88 -14.34 11.16 11.56
N GLY B 89 -15.48 11.10 10.87
CA GLY B 89 -16.56 10.27 11.34
C GLY B 89 -16.19 8.86 10.97
N VAL B 90 -16.52 7.90 11.84
CA VAL B 90 -16.23 6.52 11.55
C VAL B 90 -17.50 5.81 11.12
N GLU B 91 -17.41 5.03 10.05
CA GLU B 91 -18.55 4.27 9.58
C GLU B 91 -18.33 2.86 10.04
N TYR B 92 -19.33 2.28 10.73
CA TYR B 92 -19.20 0.92 11.20
C TYR B 92 -20.03 -0.04 10.37
N ARG B 93 -19.47 -1.22 10.11
CA ARG B 93 -20.16 -2.25 9.34
C ARG B 93 -19.89 -3.57 10.04
N ILE B 94 -20.91 -4.43 10.10
CA ILE B 94 -20.76 -5.70 10.79
C ILE B 94 -20.85 -6.92 9.87
N GLY B 95 -19.69 -7.45 9.48
CA GLY B 95 -19.66 -8.61 8.60
C GLY B 95 -18.22 -8.96 8.28
N PRO B 96 -17.99 -9.91 7.36
CA PRO B 96 -16.65 -10.32 6.96
C PRO B 96 -15.93 -9.12 6.36
N LEU B 97 -14.67 -8.93 6.73
CA LEU B 97 -13.93 -7.80 6.22
C LEU B 97 -14.01 -7.65 4.70
N SER B 98 -13.44 -8.62 3.98
CA SER B 98 -13.43 -8.61 2.52
C SER B 98 -14.76 -8.19 1.93
N GLU B 99 -15.82 -8.85 2.37
CA GLU B 99 -17.17 -8.56 1.89
C GLU B 99 -17.59 -7.12 2.18
N GLU B 100 -17.48 -6.71 3.45
CA GLU B 100 -17.87 -5.36 3.86
C GLU B 100 -17.16 -4.21 3.15
N VAL B 101 -15.87 -4.39 2.89
CA VAL B 101 -15.09 -3.35 2.22
C VAL B 101 -15.50 -3.20 0.77
N LYS B 102 -15.70 -4.32 0.07
CA LYS B 102 -16.11 -4.25 -1.33
C LYS B 102 -17.41 -3.47 -1.43
N LYS B 103 -18.39 -3.83 -0.62
CA LYS B 103 -19.68 -3.16 -0.63
C LYS B 103 -19.55 -1.68 -0.32
N PHE B 104 -18.84 -1.35 0.76
CA PHE B 104 -18.69 0.04 1.15
C PHE B 104 -18.00 0.92 0.11
N VAL B 105 -16.94 0.40 -0.47
CA VAL B 105 -16.17 1.14 -1.46
C VAL B 105 -16.90 1.32 -2.78
N GLU B 106 -17.82 0.40 -3.07
CA GLU B 106 -18.63 0.38 -4.28
C GLU B 106 -18.91 1.75 -4.88
N GLY B 107 -18.31 2.00 -6.05
CA GLY B 107 -18.48 3.26 -6.74
C GLY B 107 -18.50 4.47 -5.84
N LYS B 108 -17.42 4.70 -5.11
CA LYS B 108 -17.33 5.85 -4.23
C LYS B 108 -16.12 6.66 -4.64
N GLY B 109 -15.40 6.14 -5.62
CA GLY B 109 -14.24 6.84 -6.11
C GLY B 109 -13.00 6.86 -5.25
N TYR B 110 -12.92 5.97 -4.26
CA TYR B 110 -11.72 5.94 -3.44
C TYR B 110 -10.59 5.48 -4.35
N GLU B 111 -9.43 6.10 -4.22
CA GLU B 111 -8.32 5.69 -5.05
C GLU B 111 -7.27 4.99 -4.22
N LEU B 112 -7.43 5.07 -2.89
CA LEU B 112 -6.49 4.42 -1.99
C LEU B 112 -7.15 3.92 -0.73
N VAL B 113 -6.70 2.76 -0.27
CA VAL B 113 -7.20 2.15 0.94
C VAL B 113 -6.01 1.85 1.85
N VAL B 114 -6.07 2.33 3.08
CA VAL B 114 -5.01 2.08 4.06
C VAL B 114 -5.56 1.02 5.00
N TRP B 115 -4.91 -0.13 5.03
CA TRP B 115 -5.36 -1.24 5.86
C TRP B 115 -4.74 -1.24 7.25
N ALA B 116 -5.61 -1.14 8.25
CA ALA B 116 -5.22 -1.10 9.65
C ALA B 116 -4.84 -2.46 10.27
N CYS B 117 -3.55 -2.78 10.11
CA CYS B 117 -2.88 -3.98 10.62
C CYS B 117 -3.64 -5.30 10.65
N TYR B 118 -4.58 -5.48 9.73
CA TYR B 118 -5.31 -6.74 9.62
C TYR B 118 -4.24 -7.58 8.90
N PRO B 119 -4.05 -8.85 9.30
CA PRO B 119 -3.03 -9.67 8.63
C PRO B 119 -3.03 -9.57 7.11
N SER B 120 -1.94 -9.01 6.55
CA SER B 120 -1.80 -8.86 5.11
C SER B 120 -2.07 -10.18 4.38
N ALA B 121 -1.79 -11.29 5.05
CA ALA B 121 -1.98 -12.62 4.48
C ALA B 121 -3.42 -12.89 4.02
N TYR B 122 -4.38 -12.32 4.74
CA TYR B 122 -5.80 -12.52 4.44
C TYR B 122 -6.40 -11.58 3.40
N LEU B 123 -5.69 -10.51 3.08
CA LEU B 123 -6.17 -9.52 2.13
C LEU B 123 -5.82 -9.81 0.67
N CYS B 124 -4.90 -10.74 0.46
CA CYS B 124 -4.45 -11.07 -0.90
C CYS B 124 -5.56 -11.05 -1.96
N LYS B 125 -6.66 -11.73 -1.70
CA LYS B 125 -7.77 -11.75 -2.64
C LYS B 125 -8.40 -10.36 -2.79
N VAL B 126 -8.86 -9.78 -1.68
CA VAL B 126 -9.52 -8.48 -1.67
C VAL B 126 -8.72 -7.38 -2.35
N ILE B 127 -7.42 -7.32 -2.05
CA ILE B 127 -6.57 -6.31 -2.66
C ILE B 127 -6.58 -6.41 -4.18
N ASP B 128 -6.51 -7.65 -4.67
CA ASP B 128 -6.52 -7.91 -6.11
C ASP B 128 -7.91 -7.59 -6.68
N GLY B 129 -8.95 -7.93 -5.93
CA GLY B 129 -10.30 -7.66 -6.36
C GLY B 129 -10.52 -6.16 -6.57
N LEU B 130 -10.15 -5.36 -5.57
CA LEU B 130 -10.32 -3.90 -5.60
C LEU B 130 -9.56 -3.14 -6.68
N ASN B 131 -10.21 -2.12 -7.24
CA ASN B 131 -9.58 -1.33 -8.29
C ASN B 131 -9.12 0.03 -7.80
N LEU B 132 -8.24 -0.01 -6.80
CA LEU B 132 -7.63 1.15 -6.19
C LEU B 132 -6.36 0.67 -5.51
N ALA B 133 -5.48 1.60 -5.15
CA ALA B 133 -4.23 1.22 -4.51
C ALA B 133 -4.47 0.78 -3.06
N SER B 134 -3.62 -0.10 -2.58
CA SER B 134 -3.72 -0.60 -1.22
C SER B 134 -2.46 -0.40 -0.42
N LEU B 135 -2.55 0.31 0.70
CA LEU B 135 -1.39 0.49 1.55
C LEU B 135 -1.50 -0.48 2.72
N ILE B 136 -0.66 -1.50 2.70
CA ILE B 136 -0.63 -2.52 3.74
C ILE B 136 0.36 -2.05 4.77
N VAL B 137 -0.12 -1.73 5.96
CA VAL B 137 0.81 -1.32 7.00
C VAL B 137 0.96 -2.52 7.91
N LYS B 138 2.17 -3.04 7.99
CA LYS B 138 2.45 -4.18 8.84
C LYS B 138 2.67 -3.63 10.23
S SO4 C . -8.76 -0.74 25.63
O1 SO4 C . -9.56 -1.77 26.33
O2 SO4 C . -7.87 -0.02 26.59
O3 SO4 C . -7.89 -1.40 24.62
O4 SO4 C . -9.68 0.25 25.03
#